data_5XOS
#
_entry.id   5XOS
#
_cell.length_a   50.702
_cell.length_b   81.915
_cell.length_c   110.084
_cell.angle_alpha   90.00
_cell.angle_beta   90.00
_cell.angle_gamma   90.00
#
_symmetry.space_group_name_H-M   'P 21 21 21'
#
loop_
_entity.id
_entity.type
_entity.pdbx_description
1 polymer 'HLA class I histocompatibility antigen, B-35 alpha chain'
2 polymer Beta-2-microglobulin
3 polymer 'An HIV reverse transcriptase epitope'
4 water water
#
loop_
_entity_poly.entity_id
_entity_poly.type
_entity_poly.pdbx_seq_one_letter_code
_entity_poly.pdbx_strand_id
1 'polypeptide(L)'
;GSHSMRYFYTAMSRPGRGEPRFIAVGYVDDTQFDRFDSDAASPRTEPRAPWIEQEGPEYWDRNTQIFKTNTQTYRESLRN
LRGYYNQSEAGSHIIQRMYGCDLGPDGRLLRGHDQSAYDGKDYIALNEDLSSWTAADTAAQITQRKWEAARVAEQLRAYL
EGLCVEWLRRYLENGKETLQRADPPKTHVTHHPVSDHEATLRCWALGFYPAEITLTWQRDGEDQTQDTELVETRPAGDRT
FQKWAAVVVPSGEEQRYTCHVQHEGLPKPLTLRWEP
;
A
2 'polypeptide(L)'
;IQRTPKIQVYSRHPAENGKSNFLNCYVSGFHPSDIEVDLLKNGERIEKVEHSDLSFSKDWSFYLLYYTEFTPTEKDEYAC
RVNHVTLSQPKIVKWDRDM
;
B
3 'polypeptide(L)' IPLTEEAEL C
#
# COMPACT_ATOMS: atom_id res chain seq x y z
N GLY A 1 18.27 11.34 0.42
CA GLY A 1 18.12 9.96 0.84
C GLY A 1 17.91 9.02 -0.34
N SER A 2 17.54 7.78 -0.06
CA SER A 2 17.28 6.81 -1.11
C SER A 2 15.83 6.89 -1.56
N HIS A 3 15.61 6.64 -2.85
CA HIS A 3 14.28 6.77 -3.42
C HIS A 3 13.96 5.62 -4.35
N SER A 4 12.68 5.42 -4.64
CA SER A 4 12.28 4.36 -5.54
C SER A 4 11.06 4.77 -6.35
N MET A 5 10.88 4.14 -7.49
CA MET A 5 9.66 4.27 -8.26
C MET A 5 9.11 2.88 -8.52
N ARG A 6 7.79 2.73 -8.43
CA ARG A 6 7.15 1.45 -8.70
C ARG A 6 5.84 1.66 -9.44
N TYR A 7 5.55 0.76 -10.37
CA TYR A 7 4.22 0.66 -10.91
C TYR A 7 3.59 -0.64 -10.42
N PHE A 8 2.30 -0.57 -10.09
CA PHE A 8 1.56 -1.73 -9.60
C PHE A 8 0.38 -1.97 -10.52
N TYR A 9 0.37 -3.14 -11.16
CA TYR A 9 -0.72 -3.51 -12.07
C TYR A 9 -1.56 -4.62 -11.44
N THR A 10 -2.87 -4.47 -11.52
CA THR A 10 -3.79 -5.56 -11.17
C THR A 10 -4.72 -5.84 -12.35
N ALA A 11 -4.74 -7.08 -12.81
CA ALA A 11 -5.67 -7.50 -13.86
C ALA A 11 -6.55 -8.61 -13.30
N MET A 12 -7.85 -8.38 -13.28
N MET A 12 -7.86 -8.39 -13.30
CA MET A 12 -8.79 -9.30 -12.63
CA MET A 12 -8.78 -9.30 -12.64
C MET A 12 -9.92 -9.71 -13.55
C MET A 12 -9.93 -9.72 -13.54
N SER A 13 -10.02 -11.02 -13.80
CA SER A 13 -11.13 -11.53 -14.61
C SER A 13 -12.39 -11.63 -13.75
N ARG A 14 -13.55 -11.63 -14.42
CA ARG A 14 -14.83 -11.63 -13.75
C ARG A 14 -15.88 -12.22 -14.68
N PRO A 15 -15.84 -13.54 -14.89
CA PRO A 15 -16.73 -14.18 -15.85
C PRO A 15 -18.18 -13.79 -15.63
N GLY A 16 -18.86 -13.39 -16.70
CA GLY A 16 -20.26 -13.01 -16.60
C GLY A 16 -20.44 -11.53 -16.31
N ARG A 17 -19.35 -10.84 -16.00
CA ARG A 17 -19.42 -9.42 -15.67
C ARG A 17 -18.48 -8.57 -16.52
N GLY A 18 -18.37 -8.93 -17.79
CA GLY A 18 -17.55 -8.18 -18.73
C GLY A 18 -16.12 -8.68 -18.82
N GLU A 19 -15.27 -7.89 -19.47
CA GLU A 19 -13.88 -8.25 -19.65
C GLU A 19 -13.08 -7.92 -18.40
N PRO A 20 -11.91 -8.56 -18.23
CA PRO A 20 -11.10 -8.33 -17.03
C PRO A 20 -10.73 -6.87 -16.82
N ARG A 21 -10.86 -6.40 -15.59
CA ARG A 21 -10.47 -5.04 -15.23
C ARG A 21 -8.96 -4.93 -15.17
N PHE A 22 -8.42 -3.85 -15.70
CA PHE A 22 -7.00 -3.55 -15.57
C PHE A 22 -6.83 -2.22 -14.86
N ILE A 23 -6.13 -2.23 -13.73
CA ILE A 23 -5.81 -0.98 -13.05
C ILE A 23 -4.30 -0.86 -12.82
N ALA A 24 -3.78 0.32 -13.10
CA ALA A 24 -2.37 0.60 -12.89
C ALA A 24 -2.23 1.83 -12.01
N VAL A 25 -1.34 1.76 -11.03
CA VAL A 25 -0.99 2.92 -10.24
C VAL A 25 0.52 3.07 -10.19
N GLY A 26 0.99 4.30 -10.12
CA GLY A 26 2.41 4.57 -10.05
C GLY A 26 2.74 5.31 -8.77
N TYR A 27 3.86 4.94 -8.15
CA TYR A 27 4.32 5.54 -6.91
C TYR A 27 5.75 5.99 -7.02
N VAL A 28 6.06 7.12 -6.41
CA VAL A 28 7.44 7.44 -6.05
C VAL A 28 7.49 7.36 -4.54
N ASP A 29 8.32 6.47 -4.02
CA ASP A 29 8.35 6.18 -2.59
C ASP A 29 6.93 5.87 -2.11
N ASP A 30 6.44 6.60 -1.11
CA ASP A 30 5.11 6.33 -0.57
C ASP A 30 4.04 7.28 -1.12
N THR A 31 4.35 7.91 -2.24
CA THR A 31 3.44 8.88 -2.85
C THR A 31 2.91 8.40 -4.20
N GLN A 32 1.61 8.16 -4.29
CA GLN A 32 1.01 7.81 -5.58
C GLN A 32 0.98 9.04 -6.48
N PHE A 33 1.29 8.88 -7.76
CA PHE A 33 1.31 10.03 -8.67
C PHE A 33 0.50 9.87 -9.95
N ASP A 34 0.14 8.64 -10.30
CA ASP A 34 -0.75 8.43 -11.43
C ASP A 34 -1.64 7.21 -11.24
N ARG A 35 -2.76 7.19 -11.95
CA ARG A 35 -3.63 6.01 -11.97
C ARG A 35 -4.23 5.82 -13.36
N PHE A 36 -4.51 4.56 -13.69
CA PHE A 36 -5.30 4.23 -14.87
C PHE A 36 -6.23 3.08 -14.53
N ASP A 37 -7.49 3.20 -14.89
CA ASP A 37 -8.49 2.20 -14.56
C ASP A 37 -9.35 1.93 -15.79
N SER A 38 -9.32 0.71 -16.31
CA SER A 38 -10.08 0.38 -17.50
C SER A 38 -11.59 0.47 -17.25
N ASP A 39 -11.98 0.46 -15.99
CA ASP A 39 -13.39 0.58 -15.62
C ASP A 39 -13.89 2.03 -15.53
N ALA A 40 -12.98 2.98 -15.64
CA ALA A 40 -13.39 4.38 -15.60
C ALA A 40 -14.31 4.69 -16.78
N ALA A 41 -15.19 5.68 -16.61
CA ALA A 41 -16.13 6.03 -17.67
C ALA A 41 -15.39 6.33 -18.98
N SER A 42 -14.30 7.08 -18.88
CA SER A 42 -13.43 7.34 -20.01
C SER A 42 -12.00 7.07 -19.59
N PRO A 43 -11.55 5.81 -19.75
CA PRO A 43 -10.22 5.41 -19.28
C PRO A 43 -9.10 6.30 -19.82
N ARG A 44 -8.36 6.92 -18.91
CA ARG A 44 -7.20 7.72 -19.27
C ARG A 44 -6.29 7.82 -18.06
N THR A 45 -5.01 8.04 -18.29
CA THR A 45 -4.08 8.23 -17.20
C THR A 45 -4.40 9.55 -16.51
N GLU A 46 -4.54 9.50 -15.18
CA GLU A 46 -4.90 10.68 -14.42
C GLU A 46 -3.83 10.98 -13.38
N PRO A 47 -3.57 12.28 -13.14
CA PRO A 47 -2.58 12.66 -12.13
C PRO A 47 -3.13 12.48 -10.72
N ARG A 48 -2.26 12.09 -9.80
CA ARG A 48 -2.66 11.90 -8.41
C ARG A 48 -1.74 12.66 -7.46
N ALA A 49 -0.78 13.38 -8.02
CA ALA A 49 0.10 14.28 -7.26
C ALA A 49 0.28 15.59 -8.03
N PRO A 50 0.36 16.72 -7.31
CA PRO A 50 0.45 18.03 -7.96
C PRO A 50 1.66 18.17 -8.90
N TRP A 51 2.79 17.58 -8.52
CA TRP A 51 4.02 17.77 -9.28
C TRP A 51 4.07 17.05 -10.63
N ILE A 52 3.12 16.17 -10.89
CA ILE A 52 3.07 15.47 -12.17
C ILE A 52 2.19 16.23 -13.18
N GLU A 53 1.37 17.14 -12.67
CA GLU A 53 0.39 17.83 -13.51
C GLU A 53 1.06 18.70 -14.59
N GLN A 54 2.31 19.06 -14.37
CA GLN A 54 3.05 19.91 -15.29
C GLN A 54 3.54 19.19 -16.55
N GLU A 55 3.47 17.87 -16.53
CA GLU A 55 3.88 17.10 -17.71
C GLU A 55 2.95 17.43 -18.89
N GLY A 56 3.52 17.50 -20.08
CA GLY A 56 2.77 17.91 -21.25
C GLY A 56 1.78 16.87 -21.76
N PRO A 57 0.99 17.24 -22.78
CA PRO A 57 0.00 16.34 -23.38
C PRO A 57 0.66 15.07 -23.91
N GLU A 58 1.87 15.19 -24.45
CA GLU A 58 2.58 14.04 -25.00
C GLU A 58 2.83 12.98 -23.93
N TYR A 59 3.10 13.44 -22.71
CA TYR A 59 3.32 12.53 -21.59
C TYR A 59 2.06 11.73 -21.29
N TRP A 60 0.93 12.43 -21.18
CA TRP A 60 -0.32 11.79 -20.82
C TRP A 60 -0.83 10.87 -21.93
N ASP A 61 -0.67 11.29 -23.18
CA ASP A 61 -1.01 10.46 -24.32
C ASP A 61 -0.18 9.18 -24.32
N ARG A 62 1.12 9.32 -24.10
CA ARG A 62 2.01 8.17 -24.06
C ARG A 62 1.61 7.18 -22.96
N ASN A 63 1.37 7.69 -21.77
CA ASN A 63 0.93 6.85 -20.65
C ASN A 63 -0.35 6.09 -21.00
N THR A 64 -1.33 6.82 -21.51
CA THR A 64 -2.63 6.21 -21.81
C THR A 64 -2.52 5.15 -22.90
N GLN A 65 -1.71 5.42 -23.92
CA GLN A 65 -1.47 4.43 -24.96
C GLN A 65 -0.93 3.14 -24.35
N ILE A 66 0.09 3.29 -23.49
CA ILE A 66 0.69 2.13 -22.84
C ILE A 66 -0.33 1.34 -22.02
N PHE A 67 -1.10 2.04 -21.20
CA PHE A 67 -2.05 1.37 -20.32
C PHE A 67 -3.25 0.76 -21.06
N LYS A 68 -3.68 1.40 -22.13
CA LYS A 68 -4.73 0.85 -22.98
C LYS A 68 -4.23 -0.43 -23.65
N THR A 69 -2.98 -0.41 -24.11
CA THR A 69 -2.39 -1.60 -24.70
C THR A 69 -2.23 -2.70 -23.65
N ASN A 70 -1.76 -2.33 -22.47
CA ASN A 70 -1.61 -3.27 -21.36
C ASN A 70 -2.94 -3.95 -21.01
N THR A 71 -4.03 -3.19 -21.08
CA THR A 71 -5.35 -3.74 -20.76
C THR A 71 -5.61 -4.97 -21.64
N GLN A 72 -5.32 -4.85 -22.93
CA GLN A 72 -5.49 -5.96 -23.87
C GLN A 72 -4.48 -7.07 -23.62
N THR A 73 -3.22 -6.69 -23.41
CA THR A 73 -2.15 -7.66 -23.17
C THR A 73 -2.43 -8.53 -21.95
N TYR A 74 -2.86 -7.90 -20.87
CA TYR A 74 -3.12 -8.64 -19.64
C TYR A 74 -4.37 -9.52 -19.72
N ARG A 75 -5.29 -9.17 -20.61
CA ARG A 75 -6.43 -10.03 -20.85
C ARG A 75 -5.99 -11.30 -21.56
N GLU A 76 -5.05 -11.18 -22.49
CA GLU A 76 -4.49 -12.35 -23.14
C GLU A 76 -3.70 -13.17 -22.12
N SER A 77 -2.97 -12.49 -21.23
CA SER A 77 -2.20 -13.20 -20.22
C SER A 77 -3.11 -14.00 -19.29
N LEU A 78 -4.25 -13.41 -18.92
CA LEU A 78 -5.22 -14.12 -18.08
C LEU A 78 -5.72 -15.39 -18.78
N ARG A 79 -6.00 -15.28 -20.08
CA ARG A 79 -6.42 -16.44 -20.86
C ARG A 79 -5.33 -17.50 -20.86
N ASN A 80 -4.09 -17.07 -21.11
CA ASN A 80 -2.95 -17.98 -21.14
C ASN A 80 -2.80 -18.74 -19.83
N LEU A 81 -2.82 -18.01 -18.71
CA LEU A 81 -2.57 -18.64 -17.41
C LEU A 81 -3.71 -19.57 -16.98
N ARG A 82 -4.95 -19.21 -17.32
CA ARG A 82 -6.05 -20.10 -17.06
C ARG A 82 -5.74 -21.45 -17.70
N GLY A 83 -5.22 -21.41 -18.93
CA GLY A 83 -4.83 -22.61 -19.63
C GLY A 83 -3.65 -23.33 -18.99
N TYR A 84 -2.64 -22.59 -18.57
CA TYR A 84 -1.45 -23.19 -17.96
C TYR A 84 -1.78 -23.96 -16.68
N TYR A 85 -2.87 -23.59 -16.03
CA TYR A 85 -3.28 -24.27 -14.79
C TYR A 85 -4.52 -25.13 -14.97
N ASN A 86 -4.91 -25.36 -16.21
CA ASN A 86 -6.06 -26.21 -16.52
C ASN A 86 -7.33 -25.76 -15.83
N GLN A 87 -7.52 -24.46 -15.72
CA GLN A 87 -8.65 -23.92 -14.99
C GLN A 87 -9.86 -23.69 -15.91
N SER A 88 -11.05 -23.78 -15.34
CA SER A 88 -12.26 -23.55 -16.11
C SER A 88 -12.49 -22.07 -16.34
N GLU A 89 -13.41 -21.75 -17.24
CA GLU A 89 -13.73 -20.35 -17.54
C GLU A 89 -14.67 -19.74 -16.50
N ALA A 90 -15.03 -20.51 -15.49
CA ALA A 90 -16.03 -20.09 -14.52
C ALA A 90 -15.52 -19.16 -13.42
N GLY A 91 -14.27 -19.34 -13.01
CA GLY A 91 -13.74 -18.61 -11.88
C GLY A 91 -13.07 -17.29 -12.20
N SER A 92 -13.00 -16.43 -11.19
CA SER A 92 -12.30 -15.15 -11.27
C SER A 92 -10.84 -15.36 -10.89
N HIS A 93 -9.93 -14.76 -11.65
CA HIS A 93 -8.50 -14.89 -11.38
C HIS A 93 -7.80 -13.54 -11.49
N ILE A 94 -6.62 -13.44 -10.89
CA ILE A 94 -5.91 -12.17 -10.80
C ILE A 94 -4.44 -12.30 -11.16
N ILE A 95 -3.99 -11.45 -12.08
CA ILE A 95 -2.55 -11.28 -12.29
C ILE A 95 -2.15 -9.95 -11.69
N GLN A 96 -1.05 -9.96 -10.93
CA GLN A 96 -0.49 -8.73 -10.41
C GLN A 96 0.95 -8.60 -10.89
N ARG A 97 1.37 -7.37 -11.14
CA ARG A 97 2.76 -7.12 -11.47
C ARG A 97 3.24 -5.87 -10.75
N MET A 98 4.45 -5.90 -10.23
N MET A 98 4.45 -5.92 -10.22
CA MET A 98 5.07 -4.71 -9.66
CA MET A 98 5.08 -4.73 -9.66
C MET A 98 6.53 -4.63 -10.09
C MET A 98 6.52 -4.66 -10.15
N TYR A 99 6.90 -3.48 -10.64
CA TYR A 99 8.25 -3.30 -11.16
C TYR A 99 8.70 -1.88 -10.93
N GLY A 100 10.02 -1.65 -11.00
CA GLY A 100 10.54 -0.31 -10.86
C GLY A 100 11.98 -0.31 -10.41
N CYS A 101 12.48 0.87 -10.07
CA CYS A 101 13.89 1.03 -9.76
C CYS A 101 14.10 1.64 -8.38
N ASP A 102 15.23 1.28 -7.76
CA ASP A 102 15.66 1.88 -6.50
C ASP A 102 16.90 2.72 -6.76
N LEU A 103 16.94 3.92 -6.20
CA LEU A 103 18.12 4.78 -6.28
C LEU A 103 18.79 4.91 -4.91
N GLY A 104 20.11 4.97 -4.90
CA GLY A 104 20.85 5.21 -3.67
C GLY A 104 20.95 6.69 -3.38
N PRO A 105 21.53 7.04 -2.23
CA PRO A 105 21.69 8.45 -1.82
C PRO A 105 22.48 9.25 -2.86
N ASP A 106 23.16 8.54 -3.76
CA ASP A 106 23.97 9.15 -4.80
C ASP A 106 23.15 9.47 -6.05
N GLY A 107 21.95 8.89 -6.13
CA GLY A 107 21.08 9.10 -7.28
C GLY A 107 21.28 8.04 -8.34
N ARG A 108 22.20 7.11 -8.10
CA ARG A 108 22.48 6.06 -9.05
C ARG A 108 21.63 4.81 -8.77
N LEU A 109 21.45 3.98 -9.79
CA LEU A 109 20.66 2.76 -9.64
C LEU A 109 21.26 1.84 -8.58
N LEU A 110 20.43 1.49 -7.59
N LEU A 110 20.45 1.52 -7.58
CA LEU A 110 20.83 0.53 -6.57
CA LEU A 110 20.83 0.52 -6.58
C LEU A 110 20.45 -0.87 -7.05
C LEU A 110 20.47 -0.86 -7.10
N ARG A 111 19.21 -1.00 -7.51
CA ARG A 111 18.74 -2.25 -8.10
C ARG A 111 17.40 -2.05 -8.78
N GLY A 112 17.07 -2.98 -9.67
CA GLY A 112 15.80 -2.97 -10.37
C GLY A 112 14.93 -4.13 -9.91
N HIS A 113 13.63 -4.00 -10.14
CA HIS A 113 12.65 -5.00 -9.71
C HIS A 113 11.64 -5.28 -10.81
N ASP A 114 11.26 -6.54 -10.97
CA ASP A 114 10.13 -6.90 -11.81
C ASP A 114 9.56 -8.25 -11.39
N GLN A 115 8.40 -8.22 -10.75
CA GLN A 115 7.79 -9.43 -10.22
C GLN A 115 6.34 -9.58 -10.65
N SER A 116 5.93 -10.81 -10.92
CA SER A 116 4.53 -11.10 -11.26
C SER A 116 3.97 -12.18 -10.35
N ALA A 117 2.67 -12.10 -10.10
CA ALA A 117 1.96 -13.08 -9.27
C ALA A 117 0.67 -13.50 -9.94
N TYR A 118 0.24 -14.73 -9.65
CA TYR A 118 -1.05 -15.21 -10.13
C TYR A 118 -1.87 -15.71 -8.94
N ASP A 119 -3.07 -15.17 -8.80
CA ASP A 119 -3.94 -15.50 -7.67
C ASP A 119 -3.21 -15.38 -6.34
N GLY A 120 -2.39 -14.34 -6.21
CA GLY A 120 -1.74 -14.01 -4.96
C GLY A 120 -0.48 -14.80 -4.65
N LYS A 121 -0.07 -15.66 -5.59
CA LYS A 121 1.13 -16.46 -5.42
C LYS A 121 2.21 -16.03 -6.41
N ASP A 122 3.45 -15.97 -5.95
CA ASP A 122 4.54 -15.61 -6.84
C ASP A 122 4.53 -16.50 -8.08
N TYR A 123 4.71 -15.88 -9.24
CA TYR A 123 4.64 -16.59 -10.51
C TYR A 123 5.99 -16.54 -11.22
N ILE A 124 6.44 -15.35 -11.60
CA ILE A 124 7.76 -15.20 -12.20
C ILE A 124 8.38 -13.87 -11.80
N ALA A 125 9.69 -13.89 -11.56
CA ALA A 125 10.39 -12.68 -11.15
C ALA A 125 11.71 -12.54 -11.88
N LEU A 126 12.03 -11.30 -12.25
CA LEU A 126 13.34 -10.99 -12.79
C LEU A 126 14.35 -11.01 -11.66
N ASN A 127 15.46 -11.72 -11.86
CA ASN A 127 16.51 -11.76 -10.84
C ASN A 127 17.24 -10.44 -10.74
N GLU A 128 17.99 -10.25 -9.66
CA GLU A 128 18.67 -8.97 -9.43
C GLU A 128 19.68 -8.64 -10.54
N ASP A 129 20.19 -9.66 -11.22
CA ASP A 129 21.11 -9.45 -12.33
C ASP A 129 20.44 -8.79 -13.55
N LEU A 130 19.11 -8.69 -13.50
CA LEU A 130 18.33 -8.12 -14.60
C LEU A 130 18.58 -8.87 -15.91
N SER A 131 18.89 -10.16 -15.81
CA SER A 131 19.29 -10.94 -16.98
C SER A 131 18.65 -12.30 -17.03
N SER A 132 18.19 -12.79 -15.88
CA SER A 132 17.60 -14.12 -15.80
C SER A 132 16.34 -14.11 -14.95
N TRP A 133 15.56 -15.18 -15.03
CA TRP A 133 14.26 -15.27 -14.38
C TRP A 133 14.20 -16.36 -13.33
N THR A 134 13.35 -16.16 -12.34
CA THR A 134 12.99 -17.22 -11.41
C THR A 134 11.51 -17.55 -11.57
N ALA A 135 11.24 -18.76 -12.05
CA ALA A 135 9.88 -19.24 -12.23
C ALA A 135 9.45 -20.10 -11.05
N ALA A 136 8.23 -19.88 -10.57
CA ALA A 136 7.75 -20.55 -9.36
C ALA A 136 7.30 -21.99 -9.60
N ASP A 137 6.89 -22.29 -10.82
CA ASP A 137 6.31 -23.60 -11.11
C ASP A 137 6.38 -23.90 -12.61
N THR A 138 5.85 -25.05 -13.02
CA THR A 138 5.94 -25.46 -14.42
C THR A 138 5.13 -24.57 -15.35
N ALA A 139 4.11 -23.91 -14.82
CA ALA A 139 3.34 -22.96 -15.61
C ALA A 139 4.21 -21.75 -15.91
N ALA A 140 4.84 -21.21 -14.87
CA ALA A 140 5.67 -20.03 -15.03
C ALA A 140 6.88 -20.32 -15.91
N GLN A 141 7.27 -21.59 -16.00
CA GLN A 141 8.37 -21.97 -16.88
C GLN A 141 7.98 -21.78 -18.34
N ILE A 142 6.69 -21.95 -18.64
CA ILE A 142 6.22 -21.69 -20.00
C ILE A 142 6.40 -20.22 -20.34
N THR A 143 5.99 -19.36 -19.41
CA THR A 143 6.20 -17.92 -19.56
C THR A 143 7.69 -17.60 -19.68
N GLN A 144 8.49 -18.20 -18.82
CA GLN A 144 9.93 -17.97 -18.85
C GLN A 144 10.52 -18.30 -20.22
N ARG A 145 10.10 -19.43 -20.79
CA ARG A 145 10.60 -19.83 -22.11
C ARG A 145 10.23 -18.80 -23.17
N LYS A 146 8.97 -18.34 -23.13
CA LYS A 146 8.51 -17.32 -24.08
C LYS A 146 9.28 -16.02 -23.91
N TRP A 147 9.55 -15.65 -22.66
CA TRP A 147 10.24 -14.40 -22.38
C TRP A 147 11.72 -14.46 -22.73
N GLU A 148 12.31 -15.63 -22.59
CA GLU A 148 13.70 -15.82 -22.99
C GLU A 148 13.82 -15.72 -24.51
N ALA A 149 12.85 -16.31 -25.22
CA ALA A 149 12.84 -16.26 -26.68
C ALA A 149 12.66 -14.83 -27.20
N ALA A 150 11.93 -14.02 -26.44
CA ALA A 150 11.61 -12.66 -26.87
C ALA A 150 12.55 -11.60 -26.28
N ARG A 151 13.56 -12.03 -25.53
CA ARG A 151 14.55 -11.11 -24.98
C ARG A 151 13.91 -10.12 -24.01
N VAL A 152 12.94 -10.58 -23.24
CA VAL A 152 12.24 -9.70 -22.31
C VAL A 152 13.14 -9.15 -21.20
N ALA A 153 14.06 -9.98 -20.72
CA ALA A 153 14.96 -9.55 -19.65
C ALA A 153 15.78 -8.36 -20.12
N GLU A 154 16.26 -8.43 -21.36
CA GLU A 154 17.05 -7.35 -21.94
C GLU A 154 16.23 -6.07 -22.05
N GLN A 155 14.96 -6.24 -22.38
CA GLN A 155 14.02 -5.12 -22.44
C GLN A 155 13.83 -4.48 -21.07
N LEU A 156 13.65 -5.32 -20.05
CA LEU A 156 13.48 -4.80 -18.69
C LEU A 156 14.75 -4.12 -18.21
N ARG A 157 15.90 -4.73 -18.48
CA ARG A 157 17.16 -4.12 -18.06
C ARG A 157 17.31 -2.73 -18.67
N ALA A 158 17.02 -2.60 -19.96
CA ALA A 158 17.15 -1.32 -20.64
C ALA A 158 16.25 -0.27 -20.02
N TYR A 159 15.02 -0.67 -19.70
CA TYR A 159 14.07 0.22 -19.04
C TYR A 159 14.53 0.60 -17.64
N LEU A 160 14.89 -0.40 -16.85
CA LEU A 160 15.23 -0.17 -15.44
C LEU A 160 16.47 0.68 -15.26
N GLU A 161 17.45 0.50 -16.14
CA GLU A 161 18.71 1.25 -16.05
C GLU A 161 18.62 2.58 -16.76
N GLY A 162 17.60 2.76 -17.58
CA GLY A 162 17.47 3.95 -18.41
C GLY A 162 16.28 4.82 -18.03
N LEU A 163 15.17 4.63 -18.74
CA LEU A 163 13.99 5.45 -18.54
C LEU A 163 13.50 5.49 -17.10
N CYS A 164 13.52 4.36 -16.41
CA CYS A 164 13.03 4.31 -15.04
C CYS A 164 13.80 5.29 -14.16
N VAL A 165 15.13 5.20 -14.21
CA VAL A 165 15.96 6.07 -13.40
C VAL A 165 15.87 7.53 -13.86
N GLU A 166 15.91 7.75 -15.17
CA GLU A 166 15.84 9.09 -15.74
C GLU A 166 14.56 9.81 -15.34
N TRP A 167 13.43 9.12 -15.43
CA TRP A 167 12.17 9.75 -15.06
C TRP A 167 11.99 9.89 -13.55
N LEU A 168 12.47 8.92 -12.79
CA LEU A 168 12.43 9.04 -11.32
C LEU A 168 13.20 10.27 -10.87
N ARG A 169 14.38 10.49 -11.43
CA ARG A 169 15.17 11.67 -11.08
C ARG A 169 14.40 12.95 -11.42
N ARG A 170 13.70 12.93 -12.55
CA ARG A 170 12.90 14.07 -12.97
C ARG A 170 11.77 14.34 -11.98
N TYR A 171 11.03 13.29 -11.62
CA TYR A 171 9.96 13.42 -10.64
C TYR A 171 10.48 13.95 -9.30
N LEU A 172 11.61 13.42 -8.86
CA LEU A 172 12.20 13.84 -7.58
C LEU A 172 12.54 15.31 -7.57
N GLU A 173 13.04 15.82 -8.70
CA GLU A 173 13.34 17.24 -8.80
C GLU A 173 12.07 18.08 -8.83
N ASN A 174 11.13 17.69 -9.68
CA ASN A 174 9.88 18.45 -9.79
C ASN A 174 9.06 18.42 -8.51
N GLY A 175 9.15 17.33 -7.76
CA GLY A 175 8.42 17.21 -6.51
C GLY A 175 9.31 17.34 -5.28
N LYS A 176 10.43 18.04 -5.41
CA LYS A 176 11.42 18.06 -4.35
C LYS A 176 10.90 18.60 -3.01
N GLU A 177 9.94 19.51 -3.07
CA GLU A 177 9.43 20.10 -1.83
C GLU A 177 8.64 19.12 -0.97
N THR A 178 8.20 18.02 -1.58
CA THR A 178 7.46 16.99 -0.86
C THR A 178 8.18 15.63 -0.88
N LEU A 179 8.55 15.17 -2.07
CA LEU A 179 9.19 13.86 -2.21
C LEU A 179 10.52 13.79 -1.48
N GLN A 180 11.22 14.92 -1.39
CA GLN A 180 12.52 14.95 -0.73
C GLN A 180 12.43 15.60 0.65
N ARG A 181 11.22 15.62 1.20
CA ARG A 181 10.98 16.14 2.53
C ARG A 181 10.49 15.04 3.46
N ALA A 182 11.25 14.76 4.51
CA ALA A 182 10.84 13.81 5.52
C ALA A 182 10.16 14.56 6.66
N ASP A 183 8.92 14.17 6.95
CA ASP A 183 8.18 14.78 8.06
C ASP A 183 8.28 13.88 9.28
N PRO A 184 8.84 14.41 10.38
CA PRO A 184 9.03 13.58 11.57
C PRO A 184 7.71 13.25 12.24
N PRO A 185 7.67 12.14 13.00
CA PRO A 185 6.44 11.81 13.72
C PRO A 185 6.21 12.76 14.90
N LYS A 186 4.95 13.09 15.15
CA LYS A 186 4.57 13.73 16.40
C LYS A 186 4.29 12.59 17.36
N THR A 187 4.95 12.60 18.51
CA THR A 187 4.89 11.45 19.40
C THR A 187 4.33 11.77 20.78
N HIS A 188 3.69 10.77 21.39
CA HIS A 188 3.25 10.88 22.77
C HIS A 188 2.91 9.51 23.33
N VAL A 189 2.90 9.41 24.66
CA VAL A 189 2.58 8.16 25.32
C VAL A 189 1.28 8.31 26.11
N THR A 190 0.34 7.40 25.88
CA THR A 190 -0.90 7.42 26.63
C THR A 190 -0.97 6.23 27.59
N HIS A 191 -1.79 6.37 28.62
CA HIS A 191 -1.88 5.39 29.70
C HIS A 191 -3.33 4.98 29.87
N HIS A 192 -3.60 3.68 29.84
CA HIS A 192 -4.97 3.18 29.91
C HIS A 192 -5.09 2.01 30.91
N PRO A 193 -5.56 2.30 32.13
CA PRO A 193 -5.76 1.23 33.10
C PRO A 193 -6.62 0.11 32.53
N VAL A 194 -6.22 -1.14 32.72
CA VAL A 194 -7.02 -2.28 32.28
C VAL A 194 -7.65 -2.96 33.49
N SER A 195 -7.01 -2.82 34.64
CA SER A 195 -7.50 -3.40 35.89
C SER A 195 -6.72 -2.77 37.03
N ASP A 196 -6.97 -3.23 38.25
CA ASP A 196 -6.18 -2.78 39.39
C ASP A 196 -4.72 -3.17 39.22
N HIS A 197 -4.48 -4.22 38.46
CA HIS A 197 -3.17 -4.87 38.42
C HIS A 197 -2.31 -4.45 37.23
N GLU A 198 -2.95 -4.00 36.15
CA GLU A 198 -2.22 -3.70 34.93
C GLU A 198 -2.75 -2.45 34.23
N ALA A 199 -1.91 -1.86 33.38
CA ALA A 199 -2.31 -0.73 32.56
C ALA A 199 -1.64 -0.82 31.20
N THR A 200 -2.28 -0.25 30.19
CA THR A 200 -1.72 -0.23 28.85
C THR A 200 -0.95 1.06 28.63
N LEU A 201 0.29 0.93 28.17
CA LEU A 201 1.05 2.08 27.71
C LEU A 201 1.04 2.02 26.18
N ARG A 202 0.59 3.10 25.55
CA ARG A 202 0.54 3.14 24.10
C ARG A 202 1.41 4.29 23.59
N CYS A 203 2.38 3.95 22.75
CA CYS A 203 3.28 4.94 22.18
C CYS A 203 2.80 5.31 20.78
N TRP A 204 2.51 6.59 20.57
CA TRP A 204 1.94 7.07 19.31
C TRP A 204 2.97 7.76 18.43
N ALA A 205 2.89 7.51 17.13
CA ALA A 205 3.64 8.28 16.15
C ALA A 205 2.67 8.73 15.07
N LEU A 206 2.53 10.05 14.91
CA LEU A 206 1.54 10.61 13.98
C LEU A 206 2.16 11.60 13.01
N GLY A 207 1.58 11.68 11.81
CA GLY A 207 1.94 12.70 10.84
C GLY A 207 3.30 12.58 10.19
N PHE A 208 3.84 11.37 10.10
CA PHE A 208 5.17 11.20 9.54
C PHE A 208 5.18 10.79 8.07
N TYR A 209 6.28 11.10 7.39
CA TYR A 209 6.50 10.70 6.01
C TYR A 209 8.01 10.62 5.82
N PRO A 210 8.50 9.55 5.17
CA PRO A 210 7.78 8.42 4.58
C PRO A 210 7.29 7.44 5.62
N ALA A 211 6.69 6.33 5.17
CA ALA A 211 6.05 5.38 6.07
C ALA A 211 7.05 4.62 6.95
N GLU A 212 8.28 4.46 6.46
CA GLU A 212 9.31 3.74 7.20
C GLU A 212 9.54 4.35 8.57
N ILE A 213 9.37 3.54 9.61
CA ILE A 213 9.54 4.01 10.98
C ILE A 213 9.84 2.82 11.89
N THR A 214 10.53 3.09 12.99
CA THR A 214 10.80 2.06 13.98
C THR A 214 10.24 2.49 15.32
N LEU A 215 9.35 1.67 15.86
CA LEU A 215 8.67 1.98 17.11
C LEU A 215 8.79 0.77 18.03
N THR A 216 9.44 0.92 19.18
CA THR A 216 9.67 -0.21 20.07
C THR A 216 9.58 0.17 21.54
N TRP A 217 9.10 -0.77 22.35
CA TRP A 217 9.09 -0.61 23.81
C TRP A 217 10.22 -1.41 24.42
N GLN A 218 10.86 -0.84 25.43
CA GLN A 218 11.85 -1.57 26.21
C GLN A 218 11.46 -1.60 27.67
N ARG A 219 11.81 -2.68 28.36
CA ARG A 219 11.62 -2.79 29.80
C ARG A 219 12.98 -3.00 30.43
N ASP A 220 13.38 -2.06 31.29
CA ASP A 220 14.72 -2.11 31.88
C ASP A 220 15.78 -2.20 30.79
N GLY A 221 15.51 -1.58 29.64
CA GLY A 221 16.45 -1.55 28.55
C GLY A 221 16.44 -2.79 27.69
N GLU A 222 15.45 -3.66 27.91
CA GLU A 222 15.33 -4.90 27.15
C GLU A 222 14.12 -4.86 26.22
N ASP A 223 14.33 -5.16 24.94
CA ASP A 223 13.26 -5.08 23.96
C ASP A 223 12.09 -5.98 24.32
N GLN A 224 10.87 -5.49 24.11
CA GLN A 224 9.66 -6.20 24.49
C GLN A 224 8.87 -6.66 23.26
N THR A 225 9.57 -7.12 22.25
CA THR A 225 8.96 -7.49 20.98
C THR A 225 7.75 -8.42 21.13
N GLN A 226 7.92 -9.50 21.87
CA GLN A 226 6.87 -10.50 22.00
C GLN A 226 5.63 -9.96 22.72
N ASP A 227 5.84 -9.03 23.65
CA ASP A 227 4.74 -8.52 24.46
C ASP A 227 4.16 -7.20 23.94
N THR A 228 4.66 -6.74 22.81
CA THR A 228 4.20 -5.48 22.23
C THR A 228 3.16 -5.71 21.15
N GLU A 229 2.04 -4.99 21.24
CA GLU A 229 1.09 -4.93 20.14
C GLU A 229 1.47 -3.78 19.22
N LEU A 230 1.88 -4.10 18.01
CA LEU A 230 2.34 -3.11 17.05
C LEU A 230 1.41 -3.14 15.84
N VAL A 231 0.58 -2.11 15.70
CA VAL A 231 -0.35 -2.08 14.56
C VAL A 231 0.39 -1.75 13.26
N GLU A 232 -0.18 -2.21 12.15
CA GLU A 232 0.37 -1.88 10.84
C GLU A 232 0.37 -0.37 10.65
N THR A 233 1.45 0.15 10.09
CA THR A 233 1.52 1.55 9.70
C THR A 233 0.34 1.87 8.77
N ARG A 234 -0.35 2.96 9.04
CA ARG A 234 -1.60 3.27 8.36
C ARG A 234 -1.62 4.70 7.82
N PRO A 235 -2.24 4.91 6.65
CA PRO A 235 -2.28 6.25 6.03
C PRO A 235 -3.30 7.17 6.69
N ALA A 236 -2.91 8.42 6.91
CA ALA A 236 -3.81 9.39 7.54
C ALA A 236 -4.77 10.01 6.53
N GLY A 237 -4.37 10.00 5.25
CA GLY A 237 -5.17 10.59 4.19
C GLY A 237 -4.67 11.94 3.73
N ASP A 238 -3.62 12.43 4.39
CA ASP A 238 -3.04 13.73 4.05
C ASP A 238 -1.58 13.55 3.61
N ARG A 239 -1.28 12.36 3.10
CA ARG A 239 0.08 11.96 2.69
C ARG A 239 0.87 11.31 3.82
N THR A 240 0.53 11.63 5.07
CA THR A 240 1.31 11.14 6.20
C THR A 240 0.79 9.81 6.72
N PHE A 241 1.55 9.23 7.66
CA PHE A 241 1.22 7.93 8.22
C PHE A 241 1.16 7.96 9.73
N GLN A 242 0.55 6.92 10.30
CA GLN A 242 0.39 6.78 11.74
C GLN A 242 0.79 5.39 12.16
N LYS A 243 1.25 5.25 13.40
CA LYS A 243 1.54 3.95 13.96
C LYS A 243 1.49 4.04 15.48
N TRP A 244 1.15 2.95 16.14
CA TRP A 244 1.33 2.87 17.58
C TRP A 244 1.78 1.51 18.06
N ALA A 245 2.40 1.50 19.23
CA ALA A 245 2.89 0.29 19.86
C ALA A 245 2.42 0.30 21.29
N ALA A 246 1.86 -0.82 21.75
CA ALA A 246 1.30 -0.87 23.09
C ALA A 246 1.83 -2.06 23.87
N VAL A 247 2.04 -1.85 25.16
CA VAL A 247 2.42 -2.92 26.07
C VAL A 247 1.55 -2.85 27.33
N VAL A 248 1.19 -3.99 27.87
CA VAL A 248 0.47 -4.06 29.12
C VAL A 248 1.45 -4.25 30.26
N VAL A 249 1.48 -3.31 31.20
CA VAL A 249 2.48 -3.31 32.26
C VAL A 249 1.85 -3.38 33.64
N PRO A 250 2.59 -3.94 34.62
CA PRO A 250 2.11 -3.99 36.01
C PRO A 250 1.95 -2.58 36.58
N SER A 251 0.88 -2.34 37.31
CA SER A 251 0.66 -1.05 37.94
C SER A 251 1.84 -0.66 38.80
N GLY A 252 2.31 0.57 38.64
CA GLY A 252 3.42 1.07 39.43
C GLY A 252 4.78 0.86 38.78
N GLU A 253 4.83 0.06 37.72
CA GLU A 253 6.10 -0.24 37.06
C GLU A 253 6.28 0.54 35.76
N GLU A 254 5.40 1.51 35.51
CA GLU A 254 5.41 2.26 34.26
C GLU A 254 6.75 2.87 33.88
N GLN A 255 7.52 3.30 34.88
CA GLN A 255 8.76 4.03 34.61
C GLN A 255 9.92 3.12 34.20
N ARG A 256 9.71 1.81 34.26
CA ARG A 256 10.71 0.86 33.80
C ARG A 256 10.63 0.69 32.29
N TYR A 257 9.60 1.28 31.69
CA TYR A 257 9.34 1.14 30.26
C TYR A 257 9.68 2.41 29.47
N THR A 258 10.33 2.22 28.33
CA THR A 258 10.65 3.35 27.46
C THR A 258 10.25 3.04 26.02
N CYS A 259 9.70 4.05 25.34
CA CYS A 259 9.37 3.91 23.94
C CYS A 259 10.44 4.59 23.09
N HIS A 260 10.90 3.89 22.07
CA HIS A 260 11.97 4.40 21.23
C HIS A 260 11.47 4.59 19.81
N VAL A 261 11.75 5.76 19.25
CA VAL A 261 11.25 6.12 17.92
C VAL A 261 12.40 6.50 17.01
N GLN A 262 12.45 5.88 15.84
CA GLN A 262 13.43 6.21 14.83
C GLN A 262 12.72 6.57 13.53
N HIS A 263 13.10 7.69 12.94
CA HIS A 263 12.52 8.14 11.67
C HIS A 263 13.42 9.17 11.01
N GLU A 264 13.45 9.14 9.67
CA GLU A 264 14.34 9.99 8.89
C GLU A 264 14.15 11.49 9.15
N GLY A 265 12.94 11.87 9.57
CA GLY A 265 12.62 13.27 9.76
C GLY A 265 13.06 13.84 11.10
N LEU A 266 13.45 12.96 12.02
CA LEU A 266 13.83 13.38 13.36
C LEU A 266 15.25 13.92 13.41
N PRO A 267 15.45 15.05 14.09
CA PRO A 267 16.80 15.56 14.35
C PRO A 267 17.62 14.51 15.08
N LYS A 268 16.95 13.74 15.94
CA LYS A 268 17.59 12.62 16.64
C LYS A 268 16.55 11.63 17.15
N PRO A 269 16.94 10.36 17.31
CA PRO A 269 16.01 9.34 17.81
C PRO A 269 15.37 9.77 19.12
N LEU A 270 14.11 9.40 19.33
CA LEU A 270 13.39 9.81 20.51
C LEU A 270 13.33 8.69 21.55
N THR A 271 13.39 9.09 22.82
CA THR A 271 13.10 8.19 23.93
C THR A 271 11.97 8.79 24.76
N LEU A 272 10.85 8.09 24.80
CA LEU A 272 9.68 8.59 25.52
C LEU A 272 9.32 7.71 26.70
N ARG A 273 8.79 8.33 27.75
CA ARG A 273 8.22 7.61 28.87
C ARG A 273 6.83 8.18 29.11
N TRP A 274 6.00 7.44 29.84
CA TRP A 274 4.72 8.00 30.25
C TRP A 274 4.96 9.14 31.21
N GLU A 275 4.29 10.26 30.98
CA GLU A 275 4.43 11.43 31.83
C GLU A 275 3.12 11.74 32.53
N PRO A 276 2.96 11.23 33.77
CA PRO A 276 1.75 11.44 34.55
C PRO A 276 1.52 12.92 34.85
N ILE B 1 -4.79 -19.47 -0.48
CA ILE B 1 -5.34 -18.94 -1.72
C ILE B 1 -6.14 -17.67 -1.46
N GLN B 2 -6.67 -17.55 -0.24
CA GLN B 2 -7.44 -16.38 0.15
C GLN B 2 -6.94 -15.82 1.49
N ARG B 3 -6.95 -14.50 1.61
CA ARG B 3 -6.48 -13.85 2.83
C ARG B 3 -7.53 -12.87 3.33
N THR B 4 -7.85 -12.97 4.61
CA THR B 4 -8.88 -12.12 5.20
C THR B 4 -8.31 -10.73 5.53
N PRO B 5 -9.13 -9.69 5.40
CA PRO B 5 -8.66 -8.32 5.61
C PRO B 5 -8.33 -8.00 7.07
N LYS B 6 -7.24 -7.25 7.26
CA LYS B 6 -7.02 -6.56 8.51
C LYS B 6 -7.80 -5.26 8.42
N ILE B 7 -8.29 -4.77 9.55
CA ILE B 7 -9.13 -3.58 9.56
C ILE B 7 -8.71 -2.65 10.70
N GLN B 8 -8.45 -1.40 10.34
CA GLN B 8 -8.22 -0.35 11.35
C GLN B 8 -9.16 0.81 11.09
N VAL B 9 -9.81 1.29 12.15
CA VAL B 9 -10.70 2.44 12.08
C VAL B 9 -10.13 3.53 12.99
N TYR B 10 -9.94 4.73 12.45
CA TYR B 10 -9.24 5.79 13.17
C TYR B 10 -9.48 7.14 12.51
N SER B 11 -9.03 8.20 13.17
CA SER B 11 -9.21 9.54 12.63
C SER B 11 -7.91 10.10 12.07
N ARG B 12 -8.03 11.01 11.10
CA ARG B 12 -6.86 11.62 10.49
C ARG B 12 -6.08 12.46 11.51
N HIS B 13 -6.80 13.25 12.29
CA HIS B 13 -6.21 14.05 13.35
C HIS B 13 -6.71 13.57 14.70
N PRO B 14 -5.98 13.89 15.78
CA PRO B 14 -6.45 13.54 17.13
C PRO B 14 -7.87 14.02 17.33
N ALA B 15 -8.73 13.15 17.85
CA ALA B 15 -10.15 13.46 17.99
C ALA B 15 -10.41 14.53 19.06
N GLU B 16 -11.18 15.54 18.68
CA GLU B 16 -11.66 16.54 19.61
C GLU B 16 -13.14 16.80 19.35
N ASN B 17 -13.97 16.56 20.35
CA ASN B 17 -15.41 16.71 20.18
C ASN B 17 -15.80 18.08 19.65
N GLY B 18 -16.62 18.09 18.60
CA GLY B 18 -17.10 19.33 18.03
C GLY B 18 -16.25 19.87 16.89
N LYS B 19 -15.08 19.28 16.68
CA LYS B 19 -14.18 19.73 15.62
C LYS B 19 -14.18 18.79 14.41
N SER B 20 -14.38 19.37 13.23
CA SER B 20 -14.38 18.60 12.00
C SER B 20 -13.08 17.82 11.83
N ASN B 21 -13.19 16.59 11.33
CA ASN B 21 -12.06 15.68 11.23
C ASN B 21 -12.32 14.75 10.04
N PHE B 22 -11.51 13.71 9.92
CA PHE B 22 -11.75 12.68 8.90
C PHE B 22 -11.75 11.31 9.54
N LEU B 23 -12.75 10.50 9.21
CA LEU B 23 -12.85 9.13 9.70
C LEU B 23 -12.29 8.18 8.65
N ASN B 24 -11.31 7.38 9.06
CA ASN B 24 -10.64 6.44 8.15
C ASN B 24 -10.96 4.99 8.47
N CYS B 25 -11.19 4.20 7.43
CA CYS B 25 -11.20 2.76 7.58
C CYS B 25 -10.19 2.18 6.61
N TYR B 26 -9.12 1.61 7.16
CA TYR B 26 -8.03 1.06 6.37
C TYR B 26 -8.13 -0.44 6.34
N VAL B 27 -8.35 -1.01 5.16
CA VAL B 27 -8.39 -2.45 5.00
C VAL B 27 -7.17 -2.91 4.22
N SER B 28 -6.51 -3.94 4.71
CA SER B 28 -5.25 -4.37 4.13
C SER B 28 -5.04 -5.87 4.31
N GLY B 29 -4.02 -6.40 3.67
CA GLY B 29 -3.65 -7.78 3.84
C GLY B 29 -4.62 -8.79 3.25
N PHE B 30 -5.52 -8.34 2.38
CA PHE B 30 -6.54 -9.24 1.84
C PHE B 30 -6.29 -9.68 0.40
N HIS B 31 -6.92 -10.79 0.03
CA HIS B 31 -6.84 -11.34 -1.31
C HIS B 31 -7.98 -12.35 -1.43
N PRO B 32 -8.76 -12.31 -2.52
CA PRO B 32 -8.63 -11.42 -3.69
C PRO B 32 -9.11 -9.99 -3.42
N SER B 33 -9.20 -9.19 -4.48
CA SER B 33 -9.34 -7.75 -4.36
C SER B 33 -10.76 -7.25 -4.06
N ASP B 34 -11.78 -7.98 -4.47
CA ASP B 34 -13.14 -7.54 -4.21
C ASP B 34 -13.41 -7.42 -2.71
N ILE B 35 -13.94 -6.28 -2.31
CA ILE B 35 -14.21 -6.05 -0.90
C ILE B 35 -15.30 -4.98 -0.74
N GLU B 36 -16.13 -5.14 0.28
CA GLU B 36 -17.19 -4.17 0.56
C GLU B 36 -16.88 -3.45 1.85
N VAL B 37 -16.80 -2.13 1.80
CA VAL B 37 -16.51 -1.33 2.98
C VAL B 37 -17.53 -0.22 3.15
N ASP B 38 -18.15 -0.17 4.32
CA ASP B 38 -19.07 0.91 4.68
C ASP B 38 -18.59 1.59 5.95
N LEU B 39 -18.71 2.92 5.99
CA LEU B 39 -18.53 3.65 7.23
C LEU B 39 -19.91 3.91 7.83
N LEU B 40 -20.03 3.73 9.14
CA LEU B 40 -21.32 3.84 9.81
C LEU B 40 -21.34 4.94 10.86
N LYS B 41 -22.46 5.63 10.95
CA LYS B 41 -22.72 6.57 12.03
C LYS B 41 -23.97 6.13 12.75
N ASN B 42 -23.82 5.71 14.00
CA ASN B 42 -24.94 5.20 14.78
C ASN B 42 -25.65 4.06 14.04
N GLY B 43 -24.86 3.19 13.43
CA GLY B 43 -25.38 2.01 12.76
C GLY B 43 -25.86 2.23 11.34
N GLU B 44 -25.87 3.49 10.90
CA GLU B 44 -26.39 3.83 9.58
C GLU B 44 -25.26 4.16 8.59
N ARG B 45 -25.41 3.69 7.36
CA ARG B 45 -24.37 3.85 6.35
C ARG B 45 -24.20 5.30 5.93
N ILE B 46 -22.98 5.81 6.03
CA ILE B 46 -22.65 7.15 5.57
C ILE B 46 -22.54 7.17 4.05
N GLU B 47 -23.14 8.17 3.42
CA GLU B 47 -23.09 8.29 1.96
C GLU B 47 -21.87 9.07 1.50
N LYS B 48 -21.57 8.98 0.21
CA LYS B 48 -20.49 9.75 -0.42
C LYS B 48 -19.07 9.46 0.09
N VAL B 49 -18.91 8.35 0.80
CA VAL B 49 -17.59 7.93 1.26
C VAL B 49 -16.65 7.75 0.08
N GLU B 50 -15.42 8.23 0.21
CA GLU B 50 -14.42 8.09 -0.85
C GLU B 50 -13.38 7.03 -0.50
N HIS B 51 -12.65 6.56 -1.51
CA HIS B 51 -11.62 5.57 -1.27
C HIS B 51 -10.43 5.72 -2.21
N SER B 52 -9.31 5.12 -1.82
CA SER B 52 -8.08 5.17 -2.61
C SER B 52 -8.13 4.20 -3.79
N ASP B 53 -7.20 4.36 -4.72
CA ASP B 53 -7.07 3.47 -5.86
C ASP B 53 -6.45 2.15 -5.44
N LEU B 54 -6.95 1.05 -6.00
CA LEU B 54 -6.47 -0.27 -5.64
C LEU B 54 -4.96 -0.41 -5.83
N SER B 55 -4.29 -0.85 -4.77
CA SER B 55 -2.87 -1.14 -4.85
C SER B 55 -2.57 -2.32 -3.93
N PHE B 56 -1.32 -2.74 -3.88
CA PHE B 56 -0.96 -3.89 -3.07
C PHE B 56 0.44 -3.81 -2.48
N SER B 57 0.69 -4.62 -1.48
N SER B 57 0.69 -4.60 -1.45
CA SER B 57 1.95 -4.63 -0.75
CA SER B 57 1.98 -4.59 -0.76
C SER B 57 2.95 -5.62 -1.34
C SER B 57 2.96 -5.57 -1.37
N LYS B 58 4.15 -5.65 -0.79
CA LYS B 58 5.20 -6.53 -1.29
C LYS B 58 4.79 -8.01 -1.27
N ASP B 59 3.86 -8.36 -0.38
CA ASP B 59 3.42 -9.75 -0.31
C ASP B 59 2.19 -10.03 -1.16
N TRP B 60 1.88 -9.07 -2.06
CA TRP B 60 0.77 -9.18 -3.01
C TRP B 60 -0.62 -8.89 -2.44
N SER B 61 -0.72 -8.74 -1.12
CA SER B 61 -2.01 -8.48 -0.50
C SER B 61 -2.47 -7.05 -0.80
N PHE B 62 -3.77 -6.88 -1.00
CA PHE B 62 -4.31 -5.57 -1.38
C PHE B 62 -4.55 -4.68 -0.18
N TYR B 63 -4.64 -3.38 -0.43
CA TYR B 63 -5.01 -2.42 0.61
C TYR B 63 -5.81 -1.27 0.03
N LEU B 64 -6.75 -0.76 0.82
CA LEU B 64 -7.57 0.38 0.44
C LEU B 64 -7.85 1.25 1.64
N LEU B 65 -7.92 2.55 1.42
CA LEU B 65 -8.36 3.48 2.45
C LEU B 65 -9.73 4.04 2.10
N TYR B 66 -10.69 3.86 2.99
CA TYR B 66 -11.99 4.50 2.87
C TYR B 66 -12.06 5.63 3.88
N TYR B 67 -12.60 6.78 3.48
CA TYR B 67 -12.60 7.95 4.35
C TYR B 67 -13.76 8.88 4.10
N THR B 68 -14.14 9.61 5.14
CA THR B 68 -15.21 10.59 5.05
C THR B 68 -15.01 11.64 6.11
N GLU B 69 -15.51 12.85 5.85
CA GLU B 69 -15.43 13.92 6.83
C GLU B 69 -16.42 13.63 7.95
N PHE B 70 -16.01 13.91 9.19
CA PHE B 70 -16.91 13.70 10.32
C PHE B 70 -16.53 14.59 11.50
N THR B 71 -17.51 14.87 12.36
CA THR B 71 -17.28 15.66 13.55
C THR B 71 -17.56 14.82 14.78
N PRO B 72 -16.49 14.32 15.43
CA PRO B 72 -16.60 13.48 16.62
C PRO B 72 -17.39 14.18 17.72
N THR B 73 -18.23 13.43 18.41
CA THR B 73 -18.95 13.93 19.57
C THR B 73 -18.88 12.91 20.70
N GLU B 74 -19.42 13.28 21.86
CA GLU B 74 -19.40 12.39 23.00
C GLU B 74 -20.28 11.16 22.79
N LYS B 75 -21.43 11.38 22.15
CA LYS B 75 -22.47 10.35 22.06
C LYS B 75 -22.45 9.54 20.77
N ASP B 76 -22.14 10.20 19.65
CA ASP B 76 -22.20 9.53 18.35
C ASP B 76 -21.21 8.37 18.23
N GLU B 77 -21.71 7.24 17.74
CA GLU B 77 -20.87 6.06 17.54
C GLU B 77 -20.52 5.88 16.08
N TYR B 78 -19.24 5.64 15.80
CA TYR B 78 -18.79 5.41 14.44
C TYR B 78 -18.17 4.03 14.31
N ALA B 79 -18.25 3.47 13.11
CA ALA B 79 -17.71 2.14 12.87
C ALA B 79 -17.44 1.91 11.40
N CYS B 80 -16.75 0.81 11.11
CA CYS B 80 -16.50 0.39 9.75
C CYS B 80 -17.04 -1.03 9.59
N ARG B 81 -17.78 -1.26 8.50
CA ARG B 81 -18.35 -2.57 8.22
C ARG B 81 -17.74 -3.13 6.96
N VAL B 82 -17.11 -4.31 7.09
CA VAL B 82 -16.36 -4.89 5.99
C VAL B 82 -16.87 -6.27 5.64
N ASN B 83 -17.06 -6.51 4.34
CA ASN B 83 -17.40 -7.83 3.85
C ASN B 83 -16.41 -8.28 2.78
N HIS B 84 -16.08 -9.57 2.80
CA HIS B 84 -15.07 -10.13 1.92
C HIS B 84 -15.38 -11.62 1.79
N VAL B 85 -14.92 -12.25 0.72
CA VAL B 85 -15.25 -13.65 0.48
C VAL B 85 -14.81 -14.54 1.66
N THR B 86 -13.77 -14.11 2.38
CA THR B 86 -13.24 -14.88 3.50
C THR B 86 -14.09 -14.78 4.76
N LEU B 87 -15.04 -13.84 4.76
CA LEU B 87 -15.88 -13.61 5.93
C LEU B 87 -17.26 -14.25 5.80
N SER B 88 -17.69 -14.95 6.84
CA SER B 88 -19.02 -15.58 6.84
C SER B 88 -20.11 -14.51 6.91
N GLN B 89 -19.80 -13.41 7.57
CA GLN B 89 -20.72 -12.28 7.68
C GLN B 89 -19.92 -11.00 7.78
N PRO B 90 -20.54 -9.85 7.47
CA PRO B 90 -19.82 -8.58 7.55
C PRO B 90 -19.22 -8.38 8.94
N LYS B 91 -17.97 -7.91 8.98
CA LYS B 91 -17.32 -7.62 10.24
C LYS B 91 -17.43 -6.13 10.55
N ILE B 92 -17.87 -5.80 11.75
CA ILE B 92 -17.99 -4.41 12.16
C ILE B 92 -16.92 -4.08 13.19
N VAL B 93 -16.15 -3.04 12.90
CA VAL B 93 -15.14 -2.56 13.83
C VAL B 93 -15.50 -1.16 14.29
N LYS B 94 -15.67 -0.99 15.59
CA LYS B 94 -16.09 0.30 16.15
C LYS B 94 -14.90 1.27 16.22
N TRP B 95 -15.17 2.55 15.99
CA TRP B 95 -14.14 3.56 16.16
C TRP B 95 -13.90 3.83 17.63
N ASP B 96 -12.64 3.70 18.03
CA ASP B 96 -12.21 3.98 19.39
C ASP B 96 -11.08 4.99 19.30
N ARG B 97 -11.32 6.20 19.80
CA ARG B 97 -10.38 7.30 19.64
C ARG B 97 -9.05 7.03 20.32
N ASP B 98 -8.99 6.00 21.16
CA ASP B 98 -7.76 5.63 21.84
C ASP B 98 -6.92 4.63 21.05
N MET B 99 -7.35 4.31 19.84
CA MET B 99 -6.63 3.35 19.00
C MET B 99 -6.54 3.79 17.54
N ILE C 1 7.62 7.12 -15.65
CA ILE C 1 6.95 6.68 -16.86
C ILE C 1 6.99 5.15 -16.92
N PRO C 2 5.87 4.52 -17.33
CA PRO C 2 5.78 3.06 -17.32
C PRO C 2 6.53 2.39 -18.46
N LEU C 3 6.73 1.08 -18.32
CA LEU C 3 7.41 0.26 -19.32
C LEU C 3 6.59 0.15 -20.59
N THR C 4 7.23 0.33 -21.74
CA THR C 4 6.55 0.20 -23.03
C THR C 4 6.68 -1.20 -23.62
N GLU C 5 5.82 -1.50 -24.59
CA GLU C 5 5.92 -2.74 -25.37
C GLU C 5 5.98 -3.98 -24.48
N GLU C 6 5.18 -4.00 -23.43
CA GLU C 6 5.18 -5.12 -22.49
C GLU C 6 4.62 -6.40 -23.13
N ALA C 7 5.33 -7.51 -22.93
CA ALA C 7 4.94 -8.79 -23.53
C ALA C 7 4.03 -9.60 -22.62
N GLU C 8 3.13 -10.38 -23.23
CA GLU C 8 2.18 -11.18 -22.45
C GLU C 8 2.84 -12.36 -21.76
N LEU C 9 2.24 -12.80 -20.66
CA LEU C 9 2.71 -13.97 -19.94
C LEU C 9 2.34 -15.24 -20.69
#